data_6AVZ
#
_entry.id   6AVZ
#
_cell.length_a   39.479
_cell.length_b   103.263
_cell.length_c   112.565
_cell.angle_alpha   90.00
_cell.angle_beta   90.00
_cell.angle_gamma   90.00
#
_symmetry.space_group_name_H-M   'P 2 2 21'
#
loop_
_entity.id
_entity.type
_entity.pdbx_description
1 polymer HopQ
2 polymer 'Carcinoembryonic antigen-related cell adhesion molecule 3'
3 polymer 'part of HopQ loop'
4 non-polymer 'CALCIUM ION'
5 water water
#
loop_
_entity_poly.entity_id
_entity_poly.type
_entity_poly.pdbx_seq_one_letter_code
_entity_poly.pdbx_strand_id
1 'polypeptide(L)'
;MGSSHHHHHHSQDPVQKVKNADKVQKLSDTYEQLSRLLTNDNGTNSKTSAQAINQAVNNLNERAKTLAGGTTNSPAYQAT
LLALRSVLGLWNSMGYAVICGGYTKSPGENNQKNFHYTDENGNGTTINCGGSTNSNGTHSSNGTNTLKADKNVSLSIEQY
EKIHESYQILSKALKQAGLAPLNSKGEKLEAHVTTSKYQQDSQTKTTTSVIDTTNDAQNLLTQAQTIVNTLKDYCPMLIA
KSSSGSGGGAATNTPSWQTAGGGKNSCETFGAEFSAASDMINNAQKIVQETQQLSANQPKNITQPHNLNLNTPSSLTALA
QKMLKNAQSQAEILKLANQVESDFNKLSSGHLKDYIGKCDMSAISSTNMTMQSQKNNWGNGCAGVEETLTSLKTSAADFN
NQTPQINQAQNLANTLIQELGNNPFRNMGMIASSTTNNG
;
B
2 'polypeptide(L)'
;MAKLTIESMPLSVAEGKEVLLLVHNLPQHLFGYSWYKGERVDGNSLIVGYVIGTQQATPGAAYSGRETIYTNASLLIQNV
TQNDIGFYTLQVIKSDLVNEEATGQFHVY
;
A
3 'polypeptide(L)' (UNK)(UNK)(UNK) E
#
# COMPACT_ATOMS: atom_id res chain seq x y z
N SER A 49 -27.50 33.13 -33.73
CA SER A 49 -27.18 34.56 -33.41
C SER A 49 -26.05 34.69 -32.37
N ALA A 50 -25.49 35.90 -32.28
CA ALA A 50 -24.40 36.20 -31.34
C ALA A 50 -24.86 36.25 -29.88
N GLN A 51 -26.11 36.64 -29.66
CA GLN A 51 -26.74 36.59 -28.33
C GLN A 51 -26.75 35.16 -27.79
N ALA A 52 -27.22 34.22 -28.63
CA ALA A 52 -27.31 32.80 -28.26
C ALA A 52 -25.95 32.16 -28.04
N ILE A 53 -24.98 32.48 -28.92
CA ILE A 53 -23.62 31.92 -28.83
C ILE A 53 -22.96 32.38 -27.53
N ASN A 54 -23.06 33.67 -27.20
CA ASN A 54 -22.47 34.20 -25.96
C ASN A 54 -23.11 33.62 -24.69
N GLN A 55 -24.38 33.25 -24.75
CA GLN A 55 -25.07 32.60 -23.64
C GLN A 55 -24.49 31.20 -23.40
N ALA A 56 -24.41 30.40 -24.48
CA ALA A 56 -23.84 29.05 -24.44
C ALA A 56 -22.37 29.03 -23.99
N VAL A 57 -21.60 30.03 -24.43
CA VAL A 57 -20.21 30.19 -24.00
C VAL A 57 -20.13 30.49 -22.50
N ASN A 58 -20.98 31.40 -22.02
CA ASN A 58 -21.02 31.74 -20.59
C ASN A 58 -21.44 30.55 -19.71
N ASN A 59 -22.37 29.73 -20.20
CA ASN A 59 -22.78 28.48 -19.53
C ASN A 59 -21.60 27.51 -19.40
N LEU A 60 -20.94 27.22 -20.52
CA LEU A 60 -19.76 26.36 -20.53
C LEU A 60 -18.68 26.86 -19.58
N ASN A 61 -18.33 28.15 -19.69
CA ASN A 61 -17.24 28.73 -18.91
C ASN A 61 -17.54 28.77 -17.41
N GLU A 62 -18.78 29.07 -17.06
CA GLU A 62 -19.19 29.07 -15.64
C GLU A 62 -19.14 27.66 -15.05
N ARG A 63 -19.66 26.69 -15.80
CA ARG A 63 -19.65 25.29 -15.38
C ARG A 63 -18.21 24.74 -15.28
N ALA A 64 -17.38 25.09 -16.27
CA ALA A 64 -15.97 24.68 -16.31
C ALA A 64 -15.16 25.18 -15.13
N LYS A 65 -15.38 26.44 -14.77
CA LYS A 65 -14.63 27.08 -13.67
C LYS A 65 -15.00 26.50 -12.30
N THR A 66 -16.27 26.16 -12.10
CA THR A 66 -16.69 25.44 -10.90
C THR A 66 -16.05 24.05 -10.86
N LEU A 67 -16.13 23.35 -11.99
CA LEU A 67 -15.57 22.01 -12.11
C LEU A 67 -14.05 21.97 -11.91
N ALA A 68 -13.34 22.89 -12.57
CA ALA A 68 -11.87 22.94 -12.50
C ALA A 68 -11.32 23.58 -11.22
N GLY A 69 -11.98 24.63 -10.75
CA GLY A 69 -11.51 25.44 -9.61
C GLY A 69 -12.24 25.29 -8.30
N GLY A 70 -13.41 24.63 -8.30
CA GLY A 70 -14.20 24.49 -7.09
C GLY A 70 -13.66 23.41 -6.16
N THR A 71 -14.08 23.48 -4.90
CA THR A 71 -13.78 22.42 -3.93
C THR A 71 -15.08 21.69 -3.58
N THR A 72 -15.89 22.26 -2.70
CA THR A 72 -17.13 21.62 -2.25
C THR A 72 -18.10 21.32 -3.40
N ASN A 73 -18.14 22.22 -4.39
CA ASN A 73 -19.11 22.16 -5.50
C ASN A 73 -18.61 21.40 -6.74
N SER A 74 -17.37 20.91 -6.73
CA SER A 74 -16.80 20.23 -7.89
C SER A 74 -16.75 18.71 -7.69
N PRO A 75 -17.51 17.94 -8.49
CA PRO A 75 -17.37 16.48 -8.40
C PRO A 75 -16.00 15.94 -8.84
N ALA A 76 -15.30 16.68 -9.72
CA ALA A 76 -13.93 16.35 -10.10
C ALA A 76 -12.99 16.39 -8.91
N TYR A 77 -13.10 17.46 -8.12
CA TYR A 77 -12.30 17.64 -6.92
C TYR A 77 -12.69 16.63 -5.84
N GLN A 78 -13.99 16.41 -5.66
CA GLN A 78 -14.48 15.46 -4.66
C GLN A 78 -14.11 14.00 -5.00
N ALA A 79 -14.15 13.65 -6.29
CA ALA A 79 -13.73 12.32 -6.74
C ALA A 79 -12.23 12.11 -6.50
N THR A 80 -11.43 13.13 -6.80
CA THR A 80 -10.01 13.07 -6.60
C THR A 80 -9.70 12.92 -5.13
N LEU A 81 -10.33 13.77 -4.30
CA LEU A 81 -10.22 13.68 -2.85
C LEU A 81 -10.67 12.31 -2.32
N LEU A 82 -11.76 11.76 -2.87
CA LEU A 82 -12.27 10.46 -2.42
C LEU A 82 -11.24 9.37 -2.62
N ALA A 83 -10.59 9.39 -3.78
CA ALA A 83 -9.53 8.43 -4.10
C ALA A 83 -8.36 8.54 -3.13
N LEU A 84 -7.94 9.76 -2.82
CA LEU A 84 -6.86 9.98 -1.86
C LEU A 84 -7.21 9.52 -0.46
N ARG A 85 -8.40 9.89 0.02
CA ARG A 85 -8.86 9.48 1.34
C ARG A 85 -9.09 7.96 1.44
N SER A 86 -9.52 7.36 0.33
CA SER A 86 -9.72 5.90 0.27
C SER A 86 -8.43 5.13 0.48
N VAL A 87 -7.33 5.62 -0.10
CA VAL A 87 -6.04 4.98 0.07
C VAL A 87 -5.52 5.12 1.51
N LEU A 88 -5.66 6.32 2.10
CA LEU A 88 -5.37 6.49 3.53
C LEU A 88 -6.22 5.55 4.38
N GLY A 89 -7.51 5.42 4.04
CA GLY A 89 -8.41 4.51 4.73
C GLY A 89 -8.02 3.05 4.61
N LEU A 90 -7.59 2.67 3.40
CA LEU A 90 -7.08 1.32 3.15
C LEU A 90 -5.90 0.98 4.06
N TRP A 91 -4.92 1.88 4.11
CA TRP A 91 -3.74 1.65 4.94
C TRP A 91 -4.08 1.65 6.43
N ASN A 92 -4.92 2.58 6.88
CA ASN A 92 -5.37 2.58 8.29
C ASN A 92 -6.15 1.31 8.65
N SER A 93 -6.87 0.75 7.68
CA SER A 93 -7.70 -0.44 7.89
C SER A 93 -6.89 -1.74 7.98
N MET A 94 -5.89 -1.92 7.12
CA MET A 94 -5.13 -3.19 7.05
C MET A 94 -3.60 -3.12 7.04
N GLY A 95 -3.02 -1.92 7.06
CA GLY A 95 -1.57 -1.73 6.89
C GLY A 95 -0.71 -2.34 7.98
N TYR A 96 -1.22 -2.26 9.21
CA TYR A 96 -0.58 -2.86 10.39
C TYR A 96 -0.28 -4.36 10.30
N ALA A 97 -1.10 -5.08 9.53
CA ALA A 97 -0.97 -6.53 9.38
C ALA A 97 0.02 -6.94 8.27
N VAL A 98 0.57 -5.98 7.53
CA VAL A 98 1.50 -6.28 6.45
C VAL A 98 2.85 -6.72 7.02
N ILE A 99 3.31 -7.91 6.59
CA ILE A 99 4.58 -8.44 7.05
C ILE A 99 5.70 -7.76 6.27
N CYS A 100 6.71 -7.29 7.00
CA CYS A 100 7.81 -6.52 6.44
C CYS A 100 9.11 -6.85 7.15
N GLY A 101 10.22 -6.59 6.44
CA GLY A 101 11.55 -6.71 6.98
C GLY A 101 12.31 -7.94 6.51
N GLY A 102 11.86 -8.60 5.45
CA GLY A 102 12.62 -9.67 4.83
C GLY A 102 13.93 -9.11 4.33
N TYR A 103 14.99 -9.91 4.36
CA TYR A 103 16.32 -9.46 3.95
C TYR A 103 16.37 -9.30 2.43
N THR A 104 17.22 -8.38 1.97
CA THR A 104 17.34 -8.02 0.55
C THR A 104 18.53 -8.72 -0.10
N LYS A 105 19.73 -8.45 0.40
CA LYS A 105 20.97 -9.03 -0.13
C LYS A 105 21.41 -10.26 0.67
N SER A 106 21.56 -10.07 1.98
CA SER A 106 22.19 -11.04 2.86
C SER A 106 21.40 -11.21 4.16
N PRO A 107 21.26 -12.45 4.68
CA PRO A 107 20.70 -12.62 6.03
C PRO A 107 21.62 -12.14 7.16
N GLY A 108 22.92 -12.00 6.86
CA GLY A 108 23.89 -11.36 7.76
C GLY A 108 23.59 -9.89 8.08
N GLU A 109 22.88 -9.21 7.18
CA GLU A 109 22.34 -7.86 7.42
C GLU A 109 21.80 -7.73 8.85
N ASN A 110 20.84 -8.60 9.19
CA ASN A 110 20.14 -8.58 10.48
C ASN A 110 19.47 -7.21 10.71
N ASN A 111 18.88 -6.67 9.64
CA ASN A 111 18.30 -5.32 9.65
C ASN A 111 16.91 -5.26 10.26
N GLN A 112 16.70 -4.22 11.05
CA GLN A 112 15.41 -3.86 11.61
C GLN A 112 15.20 -2.36 11.48
N LYS A 113 13.96 -1.96 11.25
CA LYS A 113 13.60 -0.56 11.31
C LYS A 113 12.19 -0.40 11.87
N ASN A 114 12.00 0.64 12.68
CA ASN A 114 10.72 0.95 13.29
C ASN A 114 10.10 2.16 12.62
N PHE A 115 8.79 2.11 12.36
CA PHE A 115 8.07 3.19 11.66
C PHE A 115 6.97 3.74 12.54
N HIS A 116 6.99 5.06 12.73
CA HIS A 116 6.17 5.73 13.75
C HIS A 116 4.91 6.37 13.15
N TYR A 117 3.79 6.14 13.80
CA TYR A 117 2.50 6.72 13.40
C TYR A 117 1.92 7.50 14.55
N THR A 118 1.12 8.53 14.25
CA THR A 118 0.34 9.26 15.27
C THR A 118 -1.11 9.47 14.79
N ASP A 119 -2.09 9.13 15.63
CA ASP A 119 -3.52 9.33 15.31
C ASP A 119 -3.86 10.82 15.30
N GLY A 122 -4.97 11.13 18.57
CA GLY A 122 -3.63 11.67 18.75
C GLY A 122 -2.58 10.72 19.40
N ASN A 123 -2.95 9.46 19.64
CA ASN A 123 -2.03 8.48 20.22
C ASN A 123 -1.02 7.99 19.19
N GLY A 124 0.18 7.66 19.67
CA GLY A 124 1.25 7.17 18.81
C GLY A 124 1.35 5.64 18.78
N THR A 125 1.71 5.10 17.62
CA THR A 125 2.07 3.68 17.50
C THR A 125 3.35 3.52 16.69
N THR A 126 3.92 2.32 16.76
CA THR A 126 5.20 1.99 16.13
C THR A 126 5.11 0.60 15.52
N ILE A 127 5.49 0.49 14.24
CA ILE A 127 5.59 -0.80 13.54
C ILE A 127 7.07 -1.21 13.42
N ASN A 128 7.42 -2.38 13.93
CA ASN A 128 8.71 -3.04 13.71
C ASN A 128 8.69 -3.87 12.41
N CYS A 129 9.69 -3.63 11.56
CA CYS A 129 9.95 -4.45 10.38
C CYS A 129 11.30 -5.13 10.55
N GLY A 130 11.29 -6.46 10.57
CA GLY A 130 12.53 -7.25 10.64
C GLY A 130 12.55 -8.22 11.80
N GLY A 131 12.07 -7.77 12.97
CA GLY A 131 12.10 -8.57 14.18
C GLY A 131 10.96 -9.57 14.31
N SER A 132 10.97 -10.27 15.43
CA SER A 132 9.86 -11.15 15.84
C SER A 132 9.74 -11.09 17.37
N THR A 133 8.77 -11.81 17.90
CA THR A 133 8.57 -11.95 19.34
C THR A 133 8.96 -13.37 19.77
N ASN A 134 9.78 -13.47 20.81
CA ASN A 134 10.15 -14.77 21.38
C ASN A 134 8.95 -15.41 22.07
N SER A 135 9.01 -16.71 22.30
CA SER A 135 7.92 -17.44 22.96
C SER A 135 7.60 -16.92 24.35
N ASN A 136 8.60 -16.41 25.07
CA ASN A 136 8.38 -15.81 26.40
C ASN A 136 7.92 -14.33 26.38
N GLY A 137 7.74 -13.75 25.19
CA GLY A 137 7.24 -12.37 25.06
C GLY A 137 8.26 -11.30 24.76
N THR A 138 9.55 -11.59 24.93
CA THR A 138 10.60 -10.61 24.66
C THR A 138 10.80 -10.41 23.15
N HIS A 139 11.35 -9.25 22.78
CA HIS A 139 11.64 -8.93 21.38
C HIS A 139 12.88 -9.69 20.89
N SER A 140 12.83 -10.19 19.66
CA SER A 140 13.98 -10.82 19.01
C SER A 140 14.39 -9.96 17.82
N SER A 141 15.69 -9.74 17.67
CA SER A 141 16.23 -9.09 16.47
C SER A 141 16.22 -10.03 15.25
N ASN A 142 16.00 -11.34 15.46
CA ASN A 142 15.85 -12.30 14.37
C ASN A 142 14.38 -12.67 14.18
N GLY A 143 13.78 -12.19 13.08
CA GLY A 143 12.40 -12.49 12.77
C GLY A 143 12.18 -12.61 11.29
N THR A 144 11.36 -11.73 10.75
CA THR A 144 11.10 -11.69 9.30
C THR A 144 12.39 -11.46 8.49
N ASN A 145 13.38 -10.79 9.08
CA ASN A 145 14.71 -10.60 8.46
C ASN A 145 15.55 -11.88 8.30
N THR A 146 15.12 -13.00 8.89
CA THR A 146 15.79 -14.28 8.69
C THR A 146 15.47 -14.92 7.32
N LEU A 147 14.41 -14.44 6.66
CA LEU A 147 13.95 -14.96 5.37
C LEU A 147 13.93 -13.84 4.32
N LYS A 148 14.08 -14.25 3.06
CA LYS A 148 14.25 -13.31 1.94
C LYS A 148 12.97 -12.55 1.60
N ALA A 149 13.08 -11.23 1.48
CA ALA A 149 11.97 -10.41 0.97
C ALA A 149 11.74 -10.73 -0.52
N ASP A 150 10.49 -10.93 -0.89
CA ASP A 150 10.06 -10.90 -2.30
C ASP A 150 8.54 -11.04 -2.41
N LYS A 151 8.04 -11.05 -3.64
CA LYS A 151 6.62 -11.19 -3.90
C LYS A 151 6.04 -12.39 -3.15
N ASN A 152 4.86 -12.21 -2.56
CA ASN A 152 4.17 -13.25 -1.79
C ASN A 152 4.81 -13.65 -0.46
N VAL A 153 5.80 -12.89 0.00
CA VAL A 153 6.52 -13.21 1.23
C VAL A 153 6.40 -12.04 2.20
N SER A 154 7.25 -11.02 2.04
CA SER A 154 7.22 -9.82 2.86
C SER A 154 7.80 -8.67 2.08
N LEU A 155 7.50 -7.45 2.51
CA LEU A 155 8.14 -6.28 1.97
C LEU A 155 9.53 -6.14 2.57
N SER A 156 10.46 -5.61 1.78
CA SER A 156 11.75 -5.20 2.30
C SER A 156 11.56 -3.95 3.15
N ILE A 157 12.55 -3.64 3.96
CA ILE A 157 12.54 -2.40 4.74
C ILE A 157 12.42 -1.18 3.80
N GLU A 158 13.12 -1.25 2.67
CA GLU A 158 13.09 -0.17 1.68
C GLU A 158 11.69 0.04 1.10
N GLN A 159 10.98 -1.05 0.80
CA GLN A 159 9.62 -0.98 0.28
C GLN A 159 8.66 -0.42 1.34
N TYR A 160 8.78 -0.91 2.57
CA TYR A 160 7.95 -0.38 3.65
C TYR A 160 8.21 1.10 3.90
N GLU A 161 9.48 1.53 3.94
CA GLU A 161 9.76 2.96 4.18
C GLU A 161 9.20 3.88 3.08
N LYS A 162 9.10 3.38 1.84
CA LYS A 162 8.41 4.10 0.75
C LYS A 162 6.90 4.24 0.96
N ILE A 163 6.25 3.15 1.41
CA ILE A 163 4.84 3.21 1.78
C ILE A 163 4.66 4.23 2.92
N HIS A 164 5.46 4.05 3.96
CA HIS A 164 5.38 4.88 5.16
C HIS A 164 5.58 6.36 4.86
N GLU A 165 6.61 6.67 4.09
CA GLU A 165 6.87 8.04 3.66
C GLU A 165 5.70 8.62 2.83
N SER A 166 5.24 7.87 1.83
CA SER A 166 4.11 8.32 0.99
C SER A 166 2.85 8.56 1.83
N TYR A 167 2.60 7.66 2.78
CA TYR A 167 1.47 7.80 3.69
C TYR A 167 1.58 9.08 4.53
N GLN A 168 2.74 9.32 5.12
CA GLN A 168 2.94 10.54 5.94
C GLN A 168 2.81 11.82 5.07
N ILE A 169 3.37 11.81 3.87
CA ILE A 169 3.22 12.96 2.93
C ILE A 169 1.75 13.21 2.63
N LEU A 170 1.03 12.17 2.22
CA LEU A 170 -0.38 12.26 1.84
C LEU A 170 -1.24 12.73 3.01
N SER A 171 -1.05 12.09 4.16
CA SER A 171 -1.76 12.43 5.39
C SER A 171 -1.49 13.89 5.80
N LYS A 172 -0.21 14.25 5.89
CA LYS A 172 0.14 15.60 6.35
C LYS A 172 -0.22 16.72 5.37
N ALA A 173 -0.14 16.44 4.07
CA ALA A 173 -0.58 17.42 3.05
C ALA A 173 -2.06 17.75 3.19
N LEU A 174 -2.90 16.71 3.26
CA LEU A 174 -4.34 16.87 3.43
C LEU A 174 -4.73 17.52 4.77
N LYS A 175 -4.01 17.19 5.85
CA LYS A 175 -4.24 17.82 7.15
C LYS A 175 -3.81 19.29 7.18
N GLN A 176 -2.60 19.57 6.71
CA GLN A 176 -2.01 20.90 6.83
C GLN A 176 -2.55 21.91 5.80
N ALA A 177 -2.79 21.45 4.57
CA ALA A 177 -3.22 22.34 3.48
C ALA A 177 -4.51 21.96 2.75
N GLY A 178 -5.00 20.73 2.93
CA GLY A 178 -6.07 20.21 2.10
C GLY A 178 -5.58 19.89 0.70
N LEU A 179 -6.44 19.32 -0.13
CA LEU A 179 -6.14 19.14 -1.55
C LEU A 179 -6.28 20.49 -2.25
N ALA A 180 -5.27 20.88 -3.02
CA ALA A 180 -5.36 22.12 -3.83
C ALA A 180 -6.45 21.97 -4.91
N PRO A 181 -7.09 23.08 -5.32
CA PRO A 181 -7.96 22.99 -6.49
C PRO A 181 -7.24 22.37 -7.68
N LEU A 182 -7.97 21.64 -8.51
CA LEU A 182 -7.35 20.86 -9.58
C LEU A 182 -6.67 21.72 -10.66
N ASN A 183 -7.09 22.97 -10.81
CA ASN A 183 -6.45 23.92 -11.75
C ASN A 183 -5.38 24.82 -11.09
N SER A 184 -4.98 24.47 -9.86
CA SER A 184 -4.01 25.25 -9.09
C SER A 184 -2.66 24.54 -9.07
N LYS A 185 -1.60 25.33 -8.89
CA LYS A 185 -0.25 24.78 -8.71
C LYS A 185 -0.10 24.09 -7.35
N GLY A 186 -0.94 24.48 -6.39
CA GLY A 186 -0.80 24.02 -5.01
C GLY A 186 0.24 24.84 -4.29
N GLU A 187 0.44 24.53 -3.01
CA GLU A 187 1.39 25.26 -2.18
C GLU A 187 2.40 24.30 -1.59
N LYS A 188 3.54 24.85 -1.16
CA LYS A 188 4.59 24.08 -0.56
C LYS A 188 4.29 23.84 0.92
N LEU A 189 4.68 22.67 1.40
CA LEU A 189 4.54 22.33 2.80
C LEU A 189 5.64 21.34 3.20
N GLU A 190 5.84 21.21 4.51
CA GLU A 190 6.84 20.31 5.08
C GLU A 190 6.13 19.13 5.70
N ALA A 191 6.52 17.92 5.30
CA ALA A 191 6.03 16.68 5.90
C ALA A 191 7.12 16.08 6.77
N HIS A 192 6.74 15.62 7.95
CA HIS A 192 7.66 14.97 8.88
C HIS A 192 7.46 13.45 8.87
N VAL A 193 8.56 12.71 8.79
CA VAL A 193 8.53 11.25 8.76
C VAL A 193 9.45 10.75 9.86
N THR A 194 8.89 10.01 10.81
CA THR A 194 9.61 9.58 12.02
C THR A 194 9.80 8.07 12.03
N THR A 195 11.06 7.67 12.19
CA THR A 195 11.45 6.27 12.25
C THR A 195 12.49 6.10 13.35
N SER A 196 12.74 4.86 13.74
CA SER A 196 13.81 4.57 14.69
C SER A 196 14.53 3.26 14.36
N LYS A 197 15.74 3.14 14.90
CA LYS A 197 16.62 2.01 14.61
C LYS A 197 17.36 1.60 15.88
N TYR A 198 17.78 0.34 15.93
CA TYR A 198 18.50 -0.21 17.08
C TYR A 198 20.00 0.06 16.95
N GLN A 199 20.62 0.46 18.07
CA GLN A 199 22.05 0.80 18.12
C GLN A 199 22.87 -0.38 18.68
N GLN A 200 24.19 -0.22 18.66
CA GLN A 200 25.13 -1.20 19.22
C GLN A 200 24.75 -1.54 20.65
N ASP A 201 24.21 -2.75 20.83
CA ASP A 201 23.67 -3.23 22.11
C ASP A 201 22.53 -2.36 22.68
N SER A 202 22.88 -1.24 23.30
CA SER A 202 21.99 -0.54 24.24
C SER A 202 20.70 0.05 23.65
N GLN A 203 20.83 1.18 22.94
CA GLN A 203 19.71 2.12 22.76
C GLN A 203 18.98 2.08 21.42
N THR A 204 17.85 2.79 21.37
CA THR A 204 17.07 3.03 20.16
C THR A 204 17.25 4.50 19.77
N LYS A 205 17.69 4.75 18.53
CA LYS A 205 17.86 6.10 18.00
C LYS A 205 16.67 6.47 17.10
N THR A 206 15.98 7.55 17.44
CA THR A 206 14.84 8.04 16.68
C THR A 206 15.28 9.20 15.77
N THR A 207 14.77 9.19 14.54
CA THR A 207 15.07 10.21 13.55
C THR A 207 13.75 10.73 13.00
N THR A 208 13.61 12.04 12.95
CA THR A 208 12.50 12.70 12.28
C THR A 208 13.05 13.39 11.03
N SER A 209 12.63 12.92 9.87
CA SER A 209 13.02 13.48 8.58
C SER A 209 12.01 14.54 8.15
N VAL A 210 12.50 15.52 7.40
CA VAL A 210 11.65 16.58 6.85
C VAL A 210 11.66 16.45 5.34
N ILE A 211 10.47 16.40 4.75
CA ILE A 211 10.30 16.32 3.31
C ILE A 211 9.58 17.58 2.83
N ASP A 212 10.20 18.28 1.89
CA ASP A 212 9.57 19.43 1.23
C ASP A 212 8.66 18.88 0.14
N THR A 213 7.36 19.16 0.25
CA THR A 213 6.39 18.60 -0.67
C THR A 213 5.28 19.62 -0.95
N THR A 214 4.30 19.21 -1.76
CA THR A 214 3.20 20.06 -2.19
C THR A 214 1.86 19.35 -2.02
N ASN A 215 0.79 20.14 -2.05
CA ASN A 215 -0.57 19.63 -1.90
C ASN A 215 -1.36 19.56 -3.22
N ASP A 216 -0.67 19.64 -4.37
CA ASP A 216 -1.33 19.48 -5.67
C ASP A 216 -1.72 18.02 -5.93
N ALA A 217 -2.82 17.85 -6.67
CA ALA A 217 -3.40 16.54 -6.96
C ALA A 217 -2.39 15.54 -7.52
N GLN A 218 -1.55 15.98 -8.45
CA GLN A 218 -0.62 15.08 -9.14
C GLN A 218 0.40 14.48 -8.18
N ASN A 219 1.00 15.33 -7.34
CA ASN A 219 1.90 14.86 -6.29
C ASN A 219 1.21 13.87 -5.34
N LEU A 220 0.01 14.21 -4.87
CA LEU A 220 -0.69 13.39 -3.87
C LEU A 220 -1.17 12.07 -4.43
N LEU A 221 -1.67 12.08 -5.67
CA LEU A 221 -2.03 10.84 -6.38
C LEU A 221 -0.83 9.91 -6.58
N THR A 222 0.34 10.48 -6.86
CA THR A 222 1.59 9.73 -6.92
C THR A 222 1.90 8.99 -5.60
N GLN A 223 1.69 9.68 -4.47
CA GLN A 223 1.91 9.07 -3.16
C GLN A 223 0.94 7.92 -2.92
N ALA A 224 -0.34 8.13 -3.26
CA ALA A 224 -1.36 7.09 -3.16
C ALA A 224 -1.04 5.89 -4.03
N GLN A 225 -0.58 6.17 -5.25
CA GLN A 225 -0.22 5.14 -6.19
C GLN A 225 0.95 4.28 -5.70
N THR A 226 1.93 4.89 -5.04
CA THR A 226 3.06 4.18 -4.42
C THR A 226 2.57 3.17 -3.38
N ILE A 227 1.62 3.59 -2.54
CA ILE A 227 1.08 2.71 -1.49
C ILE A 227 0.34 1.52 -2.12
N VAL A 228 -0.55 1.78 -3.08
CA VAL A 228 -1.38 0.73 -3.68
C VAL A 228 -0.56 -0.24 -4.54
N ASN A 229 0.31 0.31 -5.40
CA ASN A 229 1.12 -0.53 -6.30
C ASN A 229 2.13 -1.39 -5.56
N THR A 230 2.71 -0.88 -4.48
CA THR A 230 3.60 -1.72 -3.67
C THR A 230 2.88 -2.97 -3.18
N LEU A 231 1.67 -2.81 -2.63
CA LEU A 231 0.88 -3.95 -2.15
C LEU A 231 0.40 -4.88 -3.25
N LYS A 232 -0.14 -4.30 -4.32
CA LYS A 232 -0.67 -5.08 -5.43
C LYS A 232 0.41 -5.84 -6.21
N ASP A 233 1.61 -5.26 -6.32
CA ASP A 233 2.70 -5.91 -7.08
C ASP A 233 3.55 -6.90 -6.26
N TYR A 234 3.68 -6.68 -4.95
CA TYR A 234 4.51 -7.57 -4.10
C TYR A 234 3.71 -8.47 -3.16
N CYS A 235 2.41 -8.22 -3.02
CA CYS A 235 1.50 -9.15 -2.34
C CYS A 235 2.08 -9.76 -1.08
N PRO A 236 2.50 -8.91 -0.13
CA PRO A 236 3.06 -9.46 1.10
C PRO A 236 2.04 -10.30 1.87
N MET A 237 2.55 -11.23 2.67
CA MET A 237 1.73 -11.96 3.61
C MET A 237 1.23 -11.03 4.72
N LEU A 238 0.12 -11.42 5.32
CA LEU A 238 -0.47 -10.70 6.44
C LEU A 238 -0.26 -11.49 7.72
N ILE A 239 -0.12 -10.75 8.82
CA ILE A 239 0.01 -11.33 10.15
C ILE A 239 -1.35 -11.93 10.53
N ALA A 240 -1.34 -13.10 11.16
CA ALA A 240 -2.56 -13.73 11.67
C ALA A 240 -2.83 -13.23 13.08
N LYS A 241 -4.06 -13.34 13.55
CA LYS A 241 -4.37 -13.12 14.97
C LYS A 241 -3.72 -14.25 15.78
N SER A 242 -3.24 -13.92 16.97
CA SER A 242 -2.60 -14.92 17.86
C SER A 242 -3.64 -15.84 18.52
N SER A 243 -3.20 -17.04 18.90
CA SER A 243 -4.07 -18.05 19.51
C SER A 243 -4.47 -17.67 20.94
N ALA A 250 -0.52 -2.96 15.32
CA ALA A 250 -0.65 -2.63 16.74
C ALA A 250 -2.12 -2.50 17.19
N ALA A 251 -3.02 -3.26 16.56
CA ALA A 251 -4.47 -3.05 16.73
C ALA A 251 -5.00 -3.59 18.05
N THR A 252 -5.87 -2.80 18.69
CA THR A 252 -6.55 -3.21 19.92
C THR A 252 -7.66 -4.22 19.60
N ASN A 253 -8.56 -3.83 18.71
CA ASN A 253 -9.64 -4.71 18.22
C ASN A 253 -9.20 -5.46 16.96
N THR A 254 -9.70 -6.68 16.78
CA THR A 254 -9.37 -7.51 15.62
C THR A 254 -10.50 -7.50 14.59
N PRO A 255 -10.23 -6.99 13.36
CA PRO A 255 -11.24 -7.06 12.29
C PRO A 255 -11.54 -8.49 11.84
N SER A 256 -12.72 -8.67 11.28
CA SER A 256 -13.23 -9.99 10.88
C SER A 256 -12.35 -10.72 9.90
N TRP A 257 -11.76 -9.98 8.96
CA TRP A 257 -10.86 -10.55 7.95
C TRP A 257 -9.53 -11.12 8.51
N GLN A 258 -9.10 -10.65 9.69
CA GLN A 258 -7.84 -11.12 10.31
C GLN A 258 -8.13 -12.28 11.26
N THR A 259 -8.11 -13.48 10.70
CA THR A 259 -8.46 -14.69 11.44
C THR A 259 -7.25 -15.32 12.12
N ALA A 260 -7.53 -16.11 13.16
CA ALA A 260 -6.52 -16.91 13.83
C ALA A 260 -6.11 -18.06 12.93
N GLY A 261 -5.02 -18.72 13.30
CA GLY A 261 -4.47 -19.81 12.51
C GLY A 261 -3.49 -19.27 11.47
N GLY A 262 -3.69 -19.68 10.21
CA GLY A 262 -2.77 -19.35 9.13
C GLY A 262 -2.85 -17.90 8.70
N GLY A 263 -1.71 -17.36 8.28
CA GLY A 263 -1.67 -16.03 7.69
C GLY A 263 -2.22 -16.07 6.28
N LYS A 264 -2.65 -14.91 5.78
CA LYS A 264 -3.22 -14.80 4.46
C LYS A 264 -2.34 -13.91 3.59
N ASN A 265 -2.26 -14.25 2.31
CA ASN A 265 -1.60 -13.39 1.32
C ASN A 265 -2.47 -12.13 1.13
N SER A 266 -1.85 -10.94 1.16
CA SER A 266 -2.62 -9.68 1.06
C SER A 266 -3.42 -9.54 -0.25
N CYS A 267 -2.87 -10.03 -1.36
CA CYS A 267 -3.58 -10.02 -2.66
C CYS A 267 -4.70 -11.08 -2.77
N GLU A 268 -4.66 -12.10 -1.93
CA GLU A 268 -5.79 -13.03 -1.82
C GLU A 268 -6.89 -12.42 -0.99
N THR A 269 -6.57 -11.95 0.21
CA THR A 269 -7.56 -11.28 1.05
C THR A 269 -8.14 -10.01 0.41
N PHE A 270 -7.29 -9.14 -0.14
CA PHE A 270 -7.74 -7.83 -0.63
C PHE A 270 -7.55 -7.62 -2.14
N GLY A 271 -7.64 -8.69 -2.93
CA GLY A 271 -7.48 -8.59 -4.39
C GLY A 271 -8.43 -7.59 -5.04
N ALA A 272 -9.72 -7.74 -4.73
CA ALA A 272 -10.75 -6.84 -5.24
C ALA A 272 -10.59 -5.42 -4.70
N GLU A 273 -10.25 -5.31 -3.42
CA GLU A 273 -10.04 -4.02 -2.78
C GLU A 273 -8.86 -3.25 -3.40
N PHE A 274 -7.73 -3.93 -3.57
CA PHE A 274 -6.54 -3.33 -4.21
C PHE A 274 -6.81 -2.88 -5.66
N SER A 275 -7.57 -3.69 -6.40
CA SER A 275 -7.95 -3.35 -7.77
C SER A 275 -8.86 -2.15 -7.83
N ALA A 276 -9.81 -2.08 -6.91
CA ALA A 276 -10.72 -0.93 -6.80
C ALA A 276 -9.97 0.35 -6.46
N ALA A 277 -9.12 0.28 -5.43
CA ALA A 277 -8.30 1.42 -5.02
C ALA A 277 -7.35 1.89 -6.12
N SER A 278 -6.78 0.94 -6.86
CA SER A 278 -5.92 1.24 -8.00
C SER A 278 -6.67 1.94 -9.13
N ASP A 279 -7.88 1.46 -9.45
CA ASP A 279 -8.74 2.09 -10.47
C ASP A 279 -9.20 3.49 -10.05
N MET A 280 -9.52 3.67 -8.78
CA MET A 280 -9.86 5.00 -8.26
C MET A 280 -8.76 6.03 -8.52
N ILE A 281 -7.53 5.64 -8.23
CA ILE A 281 -6.35 6.50 -8.44
C ILE A 281 -6.13 6.78 -9.92
N ASN A 282 -6.19 5.75 -10.75
CA ASN A 282 -5.98 5.90 -12.19
C ASN A 282 -7.05 6.79 -12.83
N ASN A 283 -8.31 6.63 -12.42
CA ASN A 283 -9.39 7.50 -12.91
C ASN A 283 -9.26 8.94 -12.39
N ALA A 284 -8.86 9.09 -11.13
CA ALA A 284 -8.55 10.41 -10.57
C ALA A 284 -7.45 11.12 -11.36
N GLN A 285 -6.38 10.39 -11.69
CA GLN A 285 -5.28 10.94 -12.50
C GLN A 285 -5.75 11.44 -13.88
N LYS A 286 -6.66 10.70 -14.50
CA LYS A 286 -7.29 11.10 -15.76
C LYS A 286 -8.17 12.33 -15.61
N ILE A 287 -8.86 12.43 -14.47
CA ILE A 287 -9.64 13.63 -14.16
C ILE A 287 -8.72 14.85 -14.14
N VAL A 288 -7.58 14.72 -13.46
CA VAL A 288 -6.62 15.82 -13.36
C VAL A 288 -6.14 16.25 -14.75
N GLN A 289 -5.85 15.26 -15.60
CA GLN A 289 -5.40 15.52 -16.96
C GLN A 289 -6.48 16.17 -17.81
N GLU A 290 -7.72 15.68 -17.72
CA GLU A 290 -8.85 16.29 -18.44
C GLU A 290 -9.14 17.72 -17.96
N THR A 291 -9.00 17.95 -16.65
CA THR A 291 -9.18 19.28 -16.07
C THR A 291 -8.19 20.31 -16.65
N GLN A 292 -6.96 19.90 -16.94
CA GLN A 292 -5.97 20.81 -17.54
C GLN A 292 -6.29 21.05 -19.03
N GLN A 293 -6.77 20.00 -19.72
CA GLN A 293 -7.29 20.12 -21.09
C GLN A 293 -8.47 21.09 -21.16
N LEU A 294 -9.31 21.06 -20.12
CA LEU A 294 -10.43 21.99 -19.96
C LEU A 294 -9.96 23.43 -19.75
N SER A 295 -8.99 23.60 -18.84
CA SER A 295 -8.39 24.91 -18.57
C SER A 295 -7.66 25.52 -19.78
N ALA A 296 -7.21 24.68 -20.72
CA ALA A 296 -6.64 25.14 -21.98
C ALA A 296 -7.72 25.70 -22.91
N ASN A 297 -8.75 24.88 -23.18
CA ASN A 297 -9.83 25.24 -24.11
C ASN A 297 -10.94 26.05 -23.42
N GLN A 298 -10.70 27.36 -23.30
CA GLN A 298 -11.64 28.30 -22.68
C GLN A 298 -12.16 29.29 -23.75
N PRO A 299 -13.34 29.00 -24.34
CA PRO A 299 -13.81 29.82 -25.47
C PRO A 299 -14.18 31.26 -25.09
N LYS A 300 -13.83 32.20 -25.97
CA LYS A 300 -14.06 33.63 -25.74
C LYS A 300 -15.43 34.07 -26.26
N ASN A 301 -16.02 35.05 -25.58
CA ASN A 301 -17.27 35.66 -26.03
C ASN A 301 -17.05 36.45 -27.32
N ILE A 302 -18.09 36.49 -28.15
CA ILE A 302 -18.09 37.33 -29.35
C ILE A 302 -18.26 38.78 -28.92
N THR A 303 -17.24 39.60 -29.19
CA THR A 303 -17.34 41.06 -29.15
C THR A 303 -17.43 41.58 -30.58
N GLN A 304 -18.01 42.78 -30.73
CA GLN A 304 -18.31 43.37 -32.04
C GLN A 304 -19.13 42.41 -32.91
N PRO A 305 -20.34 42.03 -32.43
CA PRO A 305 -21.14 40.98 -33.10
C PRO A 305 -21.43 41.23 -34.59
N HIS A 306 -21.56 42.50 -34.98
CA HIS A 306 -21.89 42.88 -36.35
C HIS A 306 -20.65 43.04 -37.25
N ASN A 307 -19.46 43.07 -36.64
CA ASN A 307 -18.21 43.21 -37.39
C ASN A 307 -17.81 41.86 -37.99
N LEU A 308 -18.10 41.67 -39.29
CA LEU A 308 -17.76 40.43 -40.00
C LEU A 308 -16.29 40.32 -40.45
N ASN A 309 -15.52 41.41 -40.32
CA ASN A 309 -14.06 41.33 -40.47
C ASN A 309 -13.39 40.78 -39.19
N LEU A 310 -13.95 41.11 -38.03
CA LEU A 310 -13.48 40.59 -36.75
C LEU A 310 -13.99 39.16 -36.52
N ASN A 311 -15.27 38.96 -36.81
CA ASN A 311 -15.96 37.68 -36.62
C ASN A 311 -16.25 37.01 -37.96
N THR A 312 -15.26 36.29 -38.45
CA THR A 312 -15.32 35.64 -39.77
C THR A 312 -15.87 34.22 -39.64
N PRO A 313 -16.29 33.61 -40.77
CA PRO A 313 -16.61 32.16 -40.77
C PRO A 313 -15.47 31.24 -40.28
N SER A 314 -14.22 31.67 -40.44
CA SER A 314 -13.06 30.95 -39.92
C SER A 314 -13.00 31.00 -38.39
N SER A 315 -12.97 32.22 -37.82
CA SER A 315 -12.84 32.42 -36.37
C SER A 315 -14.02 31.87 -35.57
N LEU A 316 -15.21 31.92 -36.16
CA LEU A 316 -16.44 31.41 -35.54
C LEU A 316 -16.54 29.88 -35.56
N THR A 317 -15.99 29.25 -36.60
CA THR A 317 -15.87 27.78 -36.64
C THR A 317 -14.82 27.29 -35.62
N ALA A 318 -13.73 28.03 -35.46
CA ALA A 318 -12.70 27.73 -34.43
C ALA A 318 -13.26 27.88 -33.03
N LEU A 319 -14.04 28.94 -32.80
CA LEU A 319 -14.76 29.12 -31.52
C LEU A 319 -15.73 27.96 -31.24
N ALA A 320 -16.53 27.58 -32.24
CA ALA A 320 -17.52 26.50 -32.11
C ALA A 320 -16.86 25.16 -31.75
N GLN A 321 -15.74 24.87 -32.39
CA GLN A 321 -14.96 23.65 -32.10
C GLN A 321 -14.22 23.72 -30.76
N LYS A 322 -13.87 24.91 -30.31
CA LYS A 322 -13.33 25.12 -28.97
C LYS A 322 -14.40 24.86 -27.89
N MET A 323 -15.63 25.34 -28.15
CA MET A 323 -16.79 25.07 -27.29
C MET A 323 -17.10 23.58 -27.14
N LEU A 324 -16.98 22.83 -28.23
CA LEU A 324 -17.24 21.38 -28.22
C LEU A 324 -16.18 20.60 -27.43
N LYS A 325 -14.91 20.94 -27.64
CA LYS A 325 -13.79 20.36 -26.85
C LYS A 325 -13.96 20.62 -25.34
N ASN A 326 -14.39 21.82 -24.99
CA ASN A 326 -14.68 22.17 -23.60
C ASN A 326 -15.81 21.29 -23.06
N ALA A 327 -16.92 21.23 -23.78
CA ALA A 327 -18.08 20.42 -23.40
C ALA A 327 -17.75 18.91 -23.31
N GLN A 328 -16.99 18.39 -24.27
CA GLN A 328 -16.58 16.97 -24.28
C GLN A 328 -15.62 16.63 -23.13
N SER A 329 -14.74 17.57 -22.78
CA SER A 329 -13.90 17.43 -21.59
C SER A 329 -14.75 17.39 -20.31
N GLN A 330 -15.74 18.28 -20.22
CA GLN A 330 -16.65 18.30 -19.08
C GLN A 330 -17.40 16.98 -18.91
N ALA A 331 -17.96 16.48 -20.00
CA ALA A 331 -18.67 15.20 -19.99
C ALA A 331 -17.77 14.05 -19.51
N GLU A 332 -16.55 13.99 -20.06
CA GLU A 332 -15.59 12.94 -19.69
C GLU A 332 -15.14 13.00 -18.23
N ILE A 333 -14.97 14.22 -17.70
CA ILE A 333 -14.65 14.42 -16.28
C ILE A 333 -15.77 13.88 -15.38
N LEU A 334 -17.02 14.22 -15.71
CA LEU A 334 -18.18 13.74 -14.94
C LEU A 334 -18.37 12.23 -15.00
N LYS A 335 -18.10 11.64 -16.16
CA LYS A 335 -18.10 10.18 -16.31
C LYS A 335 -17.01 9.54 -15.45
N LEU A 336 -15.80 10.12 -15.46
CA LEU A 336 -14.72 9.60 -14.61
C LEU A 336 -15.08 9.69 -13.14
N ALA A 337 -15.65 10.83 -12.74
CA ALA A 337 -16.09 11.05 -11.37
C ALA A 337 -17.13 10.03 -10.89
N ASN A 338 -18.06 9.65 -11.78
CA ASN A 338 -19.03 8.58 -11.50
C ASN A 338 -18.37 7.21 -11.40
N GLN A 339 -17.38 6.95 -12.25
CA GLN A 339 -16.60 5.71 -12.15
C GLN A 339 -15.82 5.59 -10.84
N VAL A 340 -15.32 6.72 -10.33
CA VAL A 340 -14.64 6.74 -9.03
C VAL A 340 -15.60 6.34 -7.90
N GLU A 341 -16.84 6.82 -7.97
CA GLU A 341 -17.87 6.44 -7.00
C GLU A 341 -18.15 4.94 -7.06
N SER A 342 -18.29 4.41 -8.28
CA SER A 342 -18.49 2.98 -8.50
C SER A 342 -17.33 2.15 -7.92
N ASP A 343 -16.10 2.59 -8.14
CA ASP A 343 -14.93 1.91 -7.59
C ASP A 343 -14.82 2.03 -6.08
N PHE A 344 -15.24 3.16 -5.50
CA PHE A 344 -15.32 3.26 -4.04
C PHE A 344 -16.30 2.24 -3.46
N ASN A 345 -17.42 2.02 -4.15
CA ASN A 345 -18.39 0.99 -3.72
C ASN A 345 -17.80 -0.42 -3.79
N LYS A 346 -16.98 -0.69 -4.81
CA LYS A 346 -16.22 -1.95 -4.86
C LYS A 346 -15.27 -2.06 -3.65
N LEU A 347 -14.51 -1.00 -3.40
CA LEU A 347 -13.54 -0.97 -2.29
C LEU A 347 -14.18 -1.18 -0.92
N SER A 348 -15.38 -0.64 -0.73
CA SER A 348 -16.02 -0.57 0.59
C SER A 348 -17.11 -1.62 0.81
N SER A 349 -17.21 -2.65 -0.04
CA SER A 349 -18.30 -3.63 0.08
C SER A 349 -17.86 -5.05 0.44
N GLY A 350 -16.55 -5.28 0.60
CA GLY A 350 -16.01 -6.61 0.92
C GLY A 350 -15.57 -6.69 2.36
N HIS A 351 -14.33 -7.10 2.59
CA HIS A 351 -13.80 -7.28 3.95
C HIS A 351 -13.81 -5.98 4.77
N LEU A 352 -13.61 -4.86 4.09
CA LEU A 352 -13.53 -3.54 4.73
C LEU A 352 -14.87 -2.82 4.91
N LYS A 353 -16.00 -3.49 4.63
CA LYS A 353 -17.31 -2.85 4.69
C LYS A 353 -17.65 -2.22 6.04
N ASP A 354 -17.37 -2.92 7.13
CA ASP A 354 -17.62 -2.39 8.49
C ASP A 354 -16.43 -1.65 9.10
N TYR A 355 -15.44 -1.29 8.27
CA TYR A 355 -14.19 -0.71 8.80
C TYR A 355 -13.76 0.58 8.11
N ILE A 356 -13.70 0.59 6.79
CA ILE A 356 -13.08 1.73 6.06
C ILE A 356 -13.78 3.06 6.31
N GLY A 357 -15.10 3.04 6.42
CA GLY A 357 -15.90 4.24 6.66
C GLY A 357 -16.05 4.70 8.11
N LYS A 358 -15.49 3.95 9.07
CA LYS A 358 -15.66 4.32 10.50
C LYS A 358 -14.38 4.81 11.19
N CYS A 359 -14.58 5.44 12.34
CA CYS A 359 -13.51 5.87 13.24
C CYS A 359 -14.07 6.08 14.65
N ASP A 360 -13.39 5.54 15.65
CA ASP A 360 -13.74 5.77 17.05
C ASP A 360 -12.49 6.08 17.87
N GLN A 374 -2.02 3.01 24.90
CA GLN A 374 -2.74 1.74 24.78
C GLN A 374 -3.65 1.70 23.55
N LYS A 375 -4.64 2.60 23.53
CA LYS A 375 -5.71 2.58 22.50
C LYS A 375 -5.29 3.24 21.19
N ASN A 376 -5.69 2.63 20.07
CA ASN A 376 -5.39 3.17 18.73
C ASN A 376 -6.51 2.86 17.74
N ASN A 377 -6.41 3.46 16.56
CA ASN A 377 -7.43 3.33 15.52
C ASN A 377 -7.08 2.43 14.35
N TRP A 378 -6.02 1.62 14.46
CA TRP A 378 -5.73 0.59 13.45
C TRP A 378 -6.94 -0.33 13.29
N GLY A 379 -7.23 -0.70 12.04
CA GLY A 379 -8.38 -1.55 11.75
C GLY A 379 -9.61 -0.78 11.31
N ASN A 380 -9.61 0.55 11.50
CA ASN A 380 -10.66 1.44 11.01
C ASN A 380 -10.05 2.43 10.02
N GLY A 381 -10.86 2.90 9.09
CA GLY A 381 -10.37 3.80 8.03
C GLY A 381 -9.90 5.16 8.52
N CYS A 382 -10.70 5.78 9.39
CA CYS A 382 -10.39 7.09 9.96
C CYS A 382 -9.97 8.16 8.93
N ALA A 383 -10.57 8.12 7.75
CA ALA A 383 -10.14 8.97 6.62
C ALA A 383 -11.22 9.89 6.06
N GLY A 384 -12.40 9.90 6.68
CA GLY A 384 -13.52 10.74 6.24
C GLY A 384 -14.09 10.42 4.87
N VAL A 385 -14.03 9.16 4.46
CA VAL A 385 -14.48 8.76 3.11
C VAL A 385 -15.99 8.90 2.91
N GLU A 386 -16.78 8.62 3.94
CA GLU A 386 -18.25 8.71 3.84
C GLU A 386 -18.71 10.15 3.63
N GLU A 387 -18.11 11.09 4.37
CA GLU A 387 -18.38 12.53 4.20
C GLU A 387 -18.06 13.00 2.78
N THR A 388 -16.88 12.62 2.28
CA THR A 388 -16.47 12.95 0.91
C THR A 388 -17.39 12.32 -0.13
N LEU A 389 -17.78 11.06 0.07
CA LEU A 389 -18.73 10.39 -0.84
C LEU A 389 -20.04 11.17 -0.96
N THR A 390 -20.56 11.65 0.17
CA THR A 390 -21.78 12.46 0.19
C THR A 390 -21.58 13.75 -0.62
N SER A 391 -20.44 14.41 -0.42
CA SER A 391 -20.12 15.64 -1.15
C SER A 391 -19.90 15.38 -2.64
N LEU A 392 -19.36 14.21 -2.98
CA LEU A 392 -19.25 13.81 -4.38
C LEU A 392 -20.64 13.67 -5.01
N LYS A 393 -21.51 12.93 -4.35
CA LYS A 393 -22.89 12.70 -4.83
C LYS A 393 -23.68 13.99 -5.01
N THR A 394 -23.64 14.86 -4.00
CA THR A 394 -24.34 16.15 -4.03
C THR A 394 -23.86 17.06 -5.18
N SER A 395 -22.55 17.16 -5.35
CA SER A 395 -21.96 17.98 -6.43
C SER A 395 -22.19 17.38 -7.81
N ALA A 396 -22.11 16.06 -7.91
CA ALA A 396 -22.37 15.33 -9.16
C ALA A 396 -23.81 15.52 -9.66
N ALA A 397 -24.76 15.48 -8.72
CA ALA A 397 -26.18 15.72 -9.02
C ALA A 397 -26.43 17.13 -9.53
N ASP A 398 -25.73 18.11 -8.98
CA ASP A 398 -25.83 19.50 -9.42
C ASP A 398 -25.40 19.67 -10.87
N PHE A 399 -24.26 19.08 -11.21
CA PHE A 399 -23.78 19.06 -12.60
C PHE A 399 -24.67 18.26 -13.54
N ASN A 400 -25.24 17.15 -13.04
CA ASN A 400 -26.17 16.34 -13.84
C ASN A 400 -27.49 17.08 -14.14
N ASN A 401 -27.96 17.90 -13.20
CA ASN A 401 -29.15 18.74 -13.42
C ASN A 401 -28.94 19.85 -14.47
N GLN A 402 -27.69 20.26 -14.69
CA GLN A 402 -27.33 21.27 -15.69
C GLN A 402 -27.04 20.70 -17.09
N THR A 403 -27.22 19.39 -17.29
CA THR A 403 -26.96 18.73 -18.59
C THR A 403 -27.77 19.26 -19.79
N PRO A 404 -29.06 19.66 -19.57
CA PRO A 404 -29.83 20.21 -20.70
C PRO A 404 -29.27 21.50 -21.32
N GLN A 405 -28.76 22.42 -20.49
CA GLN A 405 -28.18 23.68 -20.98
C GLN A 405 -26.80 23.51 -21.66
N ILE A 406 -26.16 22.37 -21.42
CA ILE A 406 -24.89 22.01 -22.09
C ILE A 406 -25.16 21.26 -23.40
N ASN A 407 -26.24 20.47 -23.46
CA ASN A 407 -26.62 19.76 -24.70
C ASN A 407 -27.02 20.72 -25.81
N GLN A 408 -27.84 21.71 -25.48
CA GLN A 408 -28.19 22.79 -26.42
C GLN A 408 -26.97 23.64 -26.83
N ALA A 409 -26.02 23.84 -25.92
CA ALA A 409 -24.76 24.53 -26.21
C ALA A 409 -23.87 23.77 -27.22
N GLN A 410 -23.93 22.44 -27.17
CA GLN A 410 -23.27 21.59 -28.18
C GLN A 410 -24.01 21.65 -29.52
N ASN A 411 -25.33 21.46 -29.47
CA ASN A 411 -26.20 21.54 -30.65
C ASN A 411 -26.12 22.91 -31.36
N LEU A 412 -25.94 23.97 -30.56
CA LEU A 412 -25.70 25.31 -31.09
C LEU A 412 -24.35 25.39 -31.82
N ALA A 413 -23.32 24.81 -31.22
CA ALA A 413 -21.98 24.76 -31.82
C ALA A 413 -21.90 23.89 -33.08
N ASN A 414 -22.63 22.77 -33.08
CA ASN A 414 -22.60 21.81 -34.20
C ASN A 414 -23.16 22.37 -35.51
N THR A 415 -24.24 23.16 -35.41
CA THR A 415 -24.84 23.83 -36.57
C THR A 415 -23.86 24.77 -37.29
N LEU A 416 -22.96 25.39 -36.51
CA LEU A 416 -21.84 26.15 -37.06
C LEU A 416 -20.74 25.22 -37.55
N ALA B 2 4.93 -30.83 23.73
CA ALA B 2 4.57 -29.39 23.63
C ALA B 2 5.59 -28.60 22.81
N LYS B 3 6.84 -28.62 23.27
CA LYS B 3 7.89 -27.77 22.70
C LYS B 3 8.55 -28.40 21.47
N LEU B 4 8.94 -27.53 20.54
CA LEU B 4 9.71 -27.91 19.36
C LEU B 4 10.98 -28.67 19.77
N THR B 5 11.20 -29.85 19.18
CA THR B 5 12.42 -30.64 19.45
C THR B 5 12.94 -31.32 18.18
N ILE B 6 14.25 -31.54 18.14
CA ILE B 6 14.93 -32.18 17.01
C ILE B 6 15.37 -33.60 17.38
N GLU B 7 15.18 -34.54 16.45
CA GLU B 7 15.70 -35.91 16.58
C GLU B 7 16.67 -36.19 15.43
N SER B 8 17.89 -36.59 15.77
CA SER B 8 18.87 -37.06 14.77
C SER B 8 18.65 -38.53 14.45
N MET B 9 18.74 -38.88 13.17
CA MET B 9 18.51 -40.24 12.68
C MET B 9 19.52 -40.57 11.57
N PRO B 10 20.54 -41.40 11.82
CA PRO B 10 20.84 -42.00 13.13
C PRO B 10 21.43 -41.01 14.14
N LEU B 11 21.65 -41.48 15.37
CA LEU B 11 22.18 -40.67 16.46
C LEU B 11 23.66 -40.38 16.23
N SER B 12 24.38 -41.42 15.83
CA SER B 12 25.78 -41.31 15.41
C SER B 12 25.88 -41.79 13.96
N VAL B 13 26.66 -41.08 13.15
CA VAL B 13 26.73 -41.29 11.69
C VAL B 13 28.12 -41.75 11.29
N ALA B 14 28.20 -42.69 10.34
CA ALA B 14 29.48 -43.05 9.73
C ALA B 14 29.84 -41.99 8.68
N GLU B 15 31.13 -41.75 8.49
CA GLU B 15 31.60 -40.80 7.47
C GLU B 15 31.24 -41.31 6.08
N GLY B 16 30.81 -40.40 5.21
CA GLY B 16 30.31 -40.74 3.88
C GLY B 16 28.82 -41.05 3.80
N LYS B 17 28.17 -41.28 4.95
CA LYS B 17 26.76 -41.65 5.02
C LYS B 17 25.89 -40.39 5.19
N GLU B 18 24.64 -40.56 5.65
CA GLU B 18 23.68 -39.47 5.73
C GLU B 18 22.97 -39.45 7.07
N VAL B 19 22.44 -38.28 7.42
CA VAL B 19 21.72 -38.09 8.66
C VAL B 19 20.51 -37.20 8.41
N LEU B 20 19.40 -37.55 9.08
CA LEU B 20 18.15 -36.82 8.99
C LEU B 20 17.87 -36.17 10.34
N LEU B 21 17.72 -34.84 10.33
CA LEU B 21 17.24 -34.11 11.51
C LEU B 21 15.72 -33.98 11.39
N LEU B 22 15.01 -34.80 12.16
CA LEU B 22 13.54 -34.79 12.20
C LEU B 22 13.07 -33.76 13.20
N VAL B 23 11.91 -33.16 12.92
CA VAL B 23 11.34 -32.16 13.80
C VAL B 23 10.06 -32.71 14.41
N HIS B 24 9.99 -32.68 15.75
CA HIS B 24 8.77 -33.01 16.49
C HIS B 24 8.10 -31.73 16.98
N ASN B 25 6.77 -31.75 17.05
CA ASN B 25 5.95 -30.62 17.51
C ASN B 25 6.14 -29.33 16.71
N LEU B 26 6.28 -29.46 15.40
CA LEU B 26 6.30 -28.30 14.52
C LEU B 26 4.94 -27.60 14.65
N PRO B 27 4.92 -26.27 14.94
CA PRO B 27 3.62 -25.58 14.97
C PRO B 27 2.86 -25.67 13.63
N GLN B 28 1.53 -25.67 13.70
CA GLN B 28 0.69 -25.86 12.53
C GLN B 28 0.65 -24.68 11.59
N HIS B 29 0.75 -23.46 12.13
CA HIS B 29 0.56 -22.22 11.38
C HIS B 29 1.85 -21.42 11.36
N LEU B 30 2.55 -21.51 10.23
CA LEU B 30 3.88 -20.97 10.07
C LEU B 30 3.96 -19.96 8.94
N PHE B 31 4.79 -18.94 9.16
CA PHE B 31 5.19 -18.01 8.11
C PHE B 31 6.39 -18.59 7.36
N GLY B 32 7.33 -19.15 8.11
CA GLY B 32 8.53 -19.73 7.52
C GLY B 32 9.45 -20.28 8.59
N TYR B 33 10.58 -20.83 8.15
CA TYR B 33 11.57 -21.39 9.06
C TYR B 33 12.90 -21.50 8.37
N SER B 34 13.94 -21.66 9.19
CA SER B 34 15.30 -21.74 8.67
C SER B 34 16.21 -22.60 9.55
N TRP B 35 17.17 -23.24 8.88
CA TRP B 35 18.18 -24.08 9.53
C TRP B 35 19.51 -23.36 9.53
N TYR B 36 20.20 -23.44 10.67
CA TYR B 36 21.51 -22.81 10.87
C TYR B 36 22.54 -23.85 11.30
N LYS B 37 23.76 -23.72 10.76
CA LYS B 37 24.90 -24.49 11.26
C LYS B 37 25.36 -23.90 12.58
N GLY B 38 25.40 -24.73 13.62
CA GLY B 38 25.83 -24.29 14.95
C GLY B 38 24.65 -24.14 15.88
N GLU B 39 24.93 -23.57 17.06
CA GLU B 39 23.97 -23.52 18.17
C GLU B 39 23.21 -22.19 18.29
N ARG B 40 23.43 -21.26 17.37
CA ARG B 40 22.80 -19.94 17.41
C ARG B 40 22.09 -19.65 16.10
N VAL B 41 20.97 -18.92 16.19
CA VAL B 41 20.34 -18.31 15.03
C VAL B 41 21.28 -17.19 14.61
N ASP B 42 21.86 -17.31 13.44
CA ASP B 42 22.83 -16.35 12.94
C ASP B 42 22.84 -16.42 11.41
N GLY B 43 22.43 -15.32 10.78
CA GLY B 43 22.35 -15.23 9.33
C GLY B 43 23.59 -15.65 8.58
N ASN B 44 24.76 -15.36 9.17
CA ASN B 44 26.05 -15.79 8.62
C ASN B 44 26.23 -17.32 8.57
N SER B 45 25.54 -18.05 9.45
CA SER B 45 25.54 -19.52 9.47
C SER B 45 24.27 -20.16 8.89
N LEU B 46 23.48 -19.41 8.12
CA LEU B 46 22.27 -19.94 7.48
C LEU B 46 22.61 -21.05 6.49
N ILE B 47 22.02 -22.23 6.69
CA ILE B 47 22.11 -23.32 5.71
C ILE B 47 21.03 -23.09 4.65
N VAL B 48 19.77 -23.04 5.08
CA VAL B 48 18.64 -22.85 4.17
C VAL B 48 17.40 -22.34 4.91
N GLY B 49 16.63 -21.47 4.24
CA GLY B 49 15.34 -20.98 4.73
C GLY B 49 14.21 -21.32 3.76
N TYR B 50 13.00 -21.47 4.29
CA TYR B 50 11.80 -21.74 3.49
C TYR B 50 10.63 -20.90 4.01
N VAL B 51 9.89 -20.29 3.07
CA VAL B 51 8.69 -19.53 3.39
C VAL B 51 7.49 -20.34 2.94
N ILE B 52 6.49 -20.48 3.83
CA ILE B 52 5.25 -21.19 3.50
C ILE B 52 4.58 -20.50 2.30
N GLY B 53 4.18 -21.31 1.32
CA GLY B 53 3.49 -20.82 0.12
C GLY B 53 4.36 -20.58 -1.10
N THR B 54 5.68 -20.78 -0.99
CA THR B 54 6.62 -20.37 -2.06
C THR B 54 7.16 -21.47 -2.99
N GLN B 55 7.02 -22.74 -2.61
CA GLN B 55 7.47 -23.88 -3.44
C GLN B 55 9.00 -24.02 -3.67
N GLN B 56 9.82 -23.14 -3.09
CA GLN B 56 11.27 -23.12 -3.37
C GLN B 56 12.02 -22.52 -2.18
N ALA B 57 12.97 -23.28 -1.63
CA ALA B 57 13.79 -22.83 -0.50
C ALA B 57 14.96 -21.99 -0.97
N THR B 58 15.49 -21.17 -0.06
CA THR B 58 16.58 -20.23 -0.34
C THR B 58 17.81 -20.60 0.49
N PRO B 59 18.92 -20.99 -0.15
CA PRO B 59 20.12 -21.34 0.61
C PRO B 59 20.88 -20.13 1.15
N GLY B 60 21.70 -20.36 2.17
CA GLY B 60 22.55 -19.33 2.78
C GLY B 60 24.01 -19.72 2.66
N ALA B 61 24.86 -19.00 3.37
CA ALA B 61 26.31 -19.17 3.29
C ALA B 61 26.82 -20.53 3.80
N ALA B 62 26.10 -21.14 4.74
CA ALA B 62 26.49 -22.46 5.26
C ALA B 62 26.02 -23.65 4.40
N TYR B 63 25.28 -23.36 3.32
CA TYR B 63 24.85 -24.39 2.37
C TYR B 63 26.07 -24.99 1.67
N SER B 64 26.12 -26.31 1.58
CA SER B 64 27.26 -27.03 1.01
C SER B 64 26.87 -27.96 -0.15
N GLY B 65 25.65 -27.83 -0.67
CA GLY B 65 25.14 -28.72 -1.73
C GLY B 65 24.68 -30.10 -1.29
N ARG B 66 24.80 -30.42 0.00
CA ARG B 66 24.49 -31.76 0.50
C ARG B 66 23.22 -31.81 1.38
N GLU B 67 22.57 -30.66 1.55
CA GLU B 67 21.45 -30.51 2.48
C GLU B 67 20.14 -30.37 1.73
N THR B 68 19.13 -31.12 2.15
CA THR B 68 17.78 -31.05 1.57
C THR B 68 16.80 -30.72 2.70
N ILE B 69 16.10 -29.60 2.59
CA ILE B 69 15.00 -29.27 3.49
C ILE B 69 13.65 -29.75 2.91
N TYR B 70 12.78 -30.24 3.79
CA TYR B 70 11.43 -30.67 3.45
C TYR B 70 10.43 -29.78 4.16
N THR B 71 9.16 -29.87 3.77
CA THR B 71 8.11 -29.03 4.33
C THR B 71 7.44 -29.58 5.61
N ASN B 72 7.96 -30.69 6.13
CA ASN B 72 7.81 -31.04 7.54
C ASN B 72 8.97 -30.46 8.40
N ALA B 73 9.78 -29.59 7.80
CA ALA B 73 10.96 -28.95 8.43
C ALA B 73 12.17 -29.86 8.67
N SER B 74 12.15 -31.08 8.12
CA SER B 74 13.29 -31.99 8.25
C SER B 74 14.44 -31.48 7.41
N LEU B 75 15.65 -31.75 7.87
CA LEU B 75 16.85 -31.45 7.12
C LEU B 75 17.65 -32.73 6.94
N LEU B 76 17.84 -33.14 5.70
CA LEU B 76 18.67 -34.29 5.35
C LEU B 76 20.04 -33.78 4.95
N ILE B 77 21.09 -34.39 5.50
CA ILE B 77 22.47 -34.07 5.16
C ILE B 77 23.12 -35.35 4.67
N GLN B 78 23.58 -35.35 3.42
CA GLN B 78 24.18 -36.52 2.79
C GLN B 78 25.68 -36.35 2.67
N ASN B 79 26.39 -37.47 2.53
CA ASN B 79 27.85 -37.46 2.33
C ASN B 79 28.51 -36.70 3.50
N VAL B 80 28.19 -37.15 4.71
CA VAL B 80 28.60 -36.49 5.94
C VAL B 80 30.11 -36.68 6.14
N THR B 81 30.76 -35.65 6.71
CA THR B 81 32.20 -35.67 7.05
C THR B 81 32.39 -35.21 8.51
N GLN B 82 33.65 -35.12 8.95
CA GLN B 82 33.97 -34.61 10.29
C GLN B 82 33.63 -33.14 10.47
N ASN B 83 33.72 -32.35 9.40
CA ASN B 83 33.36 -30.92 9.43
C ASN B 83 31.89 -30.66 9.80
N ASP B 84 31.01 -31.65 9.58
CA ASP B 84 29.60 -31.56 9.95
C ASP B 84 29.29 -31.89 11.42
N ILE B 85 30.29 -32.32 12.19
CA ILE B 85 30.18 -32.48 13.66
C ILE B 85 29.54 -31.26 14.31
N GLY B 86 28.78 -31.48 15.38
CA GLY B 86 28.32 -30.41 16.24
C GLY B 86 26.86 -30.04 16.04
N PHE B 87 26.53 -28.81 16.40
CA PHE B 87 25.15 -28.38 16.56
C PHE B 87 24.52 -27.87 15.28
N TYR B 88 23.20 -28.04 15.21
CA TYR B 88 22.36 -27.44 14.18
C TYR B 88 21.16 -26.81 14.88
N THR B 89 20.76 -25.62 14.42
CA THR B 89 19.65 -24.88 15.01
C THR B 89 18.53 -24.62 13.99
N LEU B 90 17.31 -24.96 14.38
CA LEU B 90 16.10 -24.64 13.61
C LEU B 90 15.36 -23.46 14.28
N GLN B 91 15.10 -22.40 13.53
CA GLN B 91 14.17 -21.36 13.96
C GLN B 91 12.91 -21.38 13.10
N VAL B 92 11.78 -21.25 13.77
CA VAL B 92 10.47 -21.26 13.14
C VAL B 92 9.83 -19.89 13.43
N ILE B 93 9.26 -19.27 12.41
CA ILE B 93 8.47 -18.04 12.56
C ILE B 93 6.99 -18.40 12.36
N LYS B 94 6.20 -18.33 13.44
CA LYS B 94 4.76 -18.62 13.36
C LYS B 94 3.99 -17.48 12.70
N SER B 95 2.75 -17.78 12.31
CA SER B 95 1.91 -16.86 11.55
C SER B 95 1.56 -15.55 12.25
N ASP B 96 1.63 -15.54 13.58
CA ASP B 96 1.50 -14.32 14.39
C ASP B 96 2.85 -13.62 14.70
N LEU B 97 3.93 -14.06 14.04
CA LEU B 97 5.30 -13.55 14.22
C LEU B 97 5.90 -13.81 15.61
N VAL B 98 5.48 -14.92 16.22
CA VAL B 98 6.11 -15.44 17.42
C VAL B 98 7.04 -16.54 16.93
N ASN B 99 8.27 -16.56 17.43
CA ASN B 99 9.26 -17.54 16.99
C ASN B 99 9.42 -18.65 18.02
N GLU B 100 9.91 -19.80 17.54
CA GLU B 100 10.37 -20.90 18.38
C GLU B 100 11.67 -21.43 17.79
N GLU B 101 12.50 -22.00 18.66
CA GLU B 101 13.87 -22.39 18.35
C GLU B 101 14.13 -23.80 18.89
N ALA B 102 14.87 -24.61 18.13
CA ALA B 102 15.33 -25.92 18.64
C ALA B 102 16.70 -26.28 18.11
N THR B 103 17.41 -27.12 18.88
CA THR B 103 18.77 -27.54 18.61
C THR B 103 18.85 -29.03 18.34
N GLY B 104 19.62 -29.39 17.31
CA GLY B 104 19.95 -30.79 17.03
C GLY B 104 21.46 -31.00 17.01
N GLN B 105 21.86 -32.26 17.13
CA GLN B 105 23.26 -32.66 17.00
C GLN B 105 23.37 -34.15 16.64
N PHE B 106 24.44 -34.51 15.96
CA PHE B 106 24.84 -35.92 15.75
C PHE B 106 26.36 -36.09 15.88
N HIS B 107 26.78 -37.27 16.31
CA HIS B 107 28.20 -37.64 16.32
C HIS B 107 28.58 -38.25 14.97
N VAL B 108 29.86 -38.14 14.61
CA VAL B 108 30.41 -38.68 13.36
C VAL B 108 31.71 -39.43 13.68
N TYR B 109 31.94 -40.54 12.98
CA TYR B 109 33.17 -41.35 13.14
C TYR B 109 33.64 -41.94 11.81
N UNK C 1 2.24 0.42 21.08
CA UNK C 1 3.10 0.49 19.86
C UNK C 1 3.90 -0.78 19.67
N UNK C 2 3.34 -1.73 18.93
CA UNK C 2 3.93 -3.05 18.72
C UNK C 2 3.70 -3.52 17.30
N UNK C 3 4.66 -4.29 16.75
CA UNK C 3 4.53 -4.79 15.38
C UNK C 3 5.07 -6.17 15.13
#